data_4LZX
#
_entry.id   4LZX
#
_cell.length_a   44.577
_cell.length_b   60.922
_cell.length_c   64.440
_cell.angle_alpha   90.00
_cell.angle_beta   90.00
_cell.angle_gamma   90.00
#
_symmetry.space_group_name_H-M   'P 21 21 21'
#
loop_
_entity.id
_entity.type
_entity.pdbx_description
1 polymer Calmodulin
2 polymer 'IQ domain-containing protein G'
3 non-polymer 'SULFATE ION'
4 water water
#
loop_
_entity_poly.entity_id
_entity_poly.type
_entity_poly.pdbx_seq_one_letter_code
_entity_poly.pdbx_strand_id
1 'polypeptide(L)'
;ADQLTEEQIAEFKEAFSLFDKDGDGTITTKELGTVMRSLGQNPTEAELQDMINEVDADGNGTIDFPEFLTMMARKMKDTD
SEEEIREAFRVFDKDGNGYISAAELRHVMTNLGEKLTDEEVDEMIREADIDGDGQVNYEEFVQMMTAK
;
A
2 'polypeptide(L)' GPLGSQDLLELKSVIKLQAWWRGTMIRREIGGFKMPKDKV B
#
loop_
_chem_comp.id
_chem_comp.type
_chem_comp.name
_chem_comp.formula
SO4 non-polymer 'SULFATE ION' 'O4 S -2'
#
# COMPACT_ATOMS: atom_id res chain seq x y z
N LEU A 4 11.43 -16.95 -8.36
CA LEU A 4 11.62 -17.05 -6.90
C LEU A 4 11.82 -18.51 -6.50
N THR A 5 12.33 -18.72 -5.30
CA THR A 5 12.56 -20.08 -4.80
C THR A 5 11.31 -20.93 -4.65
N GLU A 6 11.51 -22.24 -4.61
CA GLU A 6 10.42 -23.15 -4.31
C GLU A 6 9.76 -22.77 -2.99
N GLU A 7 10.54 -22.41 -1.98
CA GLU A 7 9.96 -22.03 -0.70
C GLU A 7 9.10 -20.77 -0.84
N GLN A 8 9.60 -19.79 -1.58
CA GLN A 8 8.82 -18.58 -1.81
C GLN A 8 7.50 -18.80 -2.55
N ILE A 9 7.54 -19.57 -3.62
CA ILE A 9 6.36 -19.82 -4.42
C ILE A 9 5.37 -20.56 -3.58
N ALA A 10 5.86 -21.39 -2.66
CA ALA A 10 4.95 -22.12 -1.77
C ALA A 10 4.27 -21.10 -0.88
N GLU A 11 4.97 -20.00 -0.58
CA GLU A 11 4.42 -18.95 0.27
C GLU A 11 3.37 -18.12 -0.48
N PHE A 12 3.65 -17.76 -1.73
CA PHE A 12 2.64 -17.14 -2.58
C PHE A 12 1.44 -18.08 -2.76
N LYS A 13 1.70 -19.38 -2.94
CA LYS A 13 0.60 -20.32 -3.13
C LYS A 13 -0.25 -20.47 -1.87
N GLU A 14 0.39 -20.49 -0.70
CA GLU A 14 -0.33 -20.60 0.54
C GLU A 14 -1.28 -19.41 0.70
N ALA A 15 -0.77 -18.22 0.42
CA ALA A 15 -1.59 -17.00 0.46
C ALA A 15 -2.74 -17.04 -0.55
N PHE A 16 -2.40 -17.36 -1.79
CA PHE A 16 -3.38 -17.49 -2.85
C PHE A 16 -4.46 -18.48 -2.44
N SER A 17 -4.06 -19.62 -1.91
CA SER A 17 -5.02 -20.67 -1.61
C SER A 17 -5.95 -20.29 -0.46
N LEU A 18 -5.47 -19.46 0.46
CA LEU A 18 -6.30 -19.01 1.57
C LEU A 18 -7.54 -18.24 1.08
N PHE A 19 -7.39 -17.57 -0.06
CA PHE A 19 -8.46 -16.75 -0.63
C PHE A 19 -9.24 -17.48 -1.74
N ASP A 20 -8.85 -18.72 -2.03
CA ASP A 20 -9.53 -19.59 -2.99
C ASP A 20 -10.63 -20.29 -2.21
N LYS A 21 -11.84 -19.76 -2.26
CA LYS A 21 -12.88 -20.16 -1.32
C LYS A 21 -13.20 -21.65 -1.42
N ASP A 22 -13.43 -22.15 -2.62
CA ASP A 22 -13.85 -23.56 -2.76
C ASP A 22 -12.75 -24.47 -3.27
N GLY A 23 -11.50 -24.00 -3.27
CA GLY A 23 -10.39 -24.87 -3.65
C GLY A 23 -10.38 -25.26 -5.11
N ASP A 24 -10.93 -24.40 -5.95
CA ASP A 24 -11.02 -24.69 -7.40
C ASP A 24 -9.79 -24.23 -8.15
N GLY A 25 -8.82 -23.68 -7.43
CA GLY A 25 -7.57 -23.21 -8.01
C GLY A 25 -7.62 -21.79 -8.51
N THR A 26 -8.73 -21.08 -8.25
CA THR A 26 -8.84 -19.68 -8.63
C THR A 26 -9.24 -18.78 -7.46
N ILE A 27 -8.78 -17.54 -7.54
CA ILE A 27 -9.35 -16.48 -6.73
C ILE A 27 -10.07 -15.53 -7.68
N THR A 28 -10.62 -14.45 -7.17
CA THR A 28 -11.28 -13.48 -8.04
C THR A 28 -10.70 -12.11 -7.92
N THR A 29 -11.13 -11.24 -8.81
CA THR A 29 -10.67 -9.85 -8.77
C THR A 29 -10.97 -9.17 -7.44
N LYS A 30 -11.98 -9.64 -6.73
N LYS A 30 -12.00 -9.63 -6.74
N LYS A 30 -11.98 -9.63 -6.71
CA LYS A 30 -12.36 -9.06 -5.45
CA LYS A 30 -12.36 -9.08 -5.43
CA LYS A 30 -12.34 -9.00 -5.45
C LYS A 30 -11.32 -9.31 -4.36
C LYS A 30 -11.26 -9.26 -4.40
C LYS A 30 -11.35 -9.34 -4.33
N GLU A 31 -10.53 -10.37 -4.52
CA GLU A 31 -9.49 -10.72 -3.54
C GLU A 31 -8.10 -10.32 -3.97
N LEU A 32 -7.93 -9.94 -5.24
CA LEU A 32 -6.59 -9.76 -5.77
C LEU A 32 -5.75 -8.76 -4.99
N GLY A 33 -6.27 -7.56 -4.75
CA GLY A 33 -5.53 -6.56 -4.01
C GLY A 33 -5.10 -7.04 -2.63
N THR A 34 -6.02 -7.70 -1.94
CA THR A 34 -5.75 -8.14 -0.57
C THR A 34 -4.63 -9.19 -0.57
N VAL A 35 -4.69 -10.14 -1.50
CA VAL A 35 -3.66 -11.19 -1.54
C VAL A 35 -2.30 -10.55 -1.85
N MET A 36 -2.24 -9.68 -2.85
CA MET A 36 -0.97 -9.06 -3.22
C MET A 36 -0.43 -8.23 -2.07
N ARG A 37 -1.31 -7.49 -1.39
CA ARG A 37 -0.86 -6.71 -0.24
C ARG A 37 -0.33 -7.61 0.88
N SER A 38 -1.01 -8.73 1.10
CA SER A 38 -0.62 -9.63 2.19
C SER A 38 0.79 -10.20 1.96
N LEU A 39 1.22 -10.18 0.70
CA LEU A 39 2.52 -10.70 0.31
C LEU A 39 3.58 -9.61 0.14
N GLY A 40 3.27 -8.38 0.53
CA GLY A 40 4.28 -7.34 0.55
C GLY A 40 4.22 -6.31 -0.56
N GLN A 41 3.28 -6.47 -1.49
N GLN A 41 3.29 -6.49 -1.49
CA GLN A 41 3.17 -5.50 -2.55
CA GLN A 41 3.11 -5.52 -2.57
C GLN A 41 2.19 -4.38 -2.20
C GLN A 41 2.24 -4.36 -2.12
N ASN A 42 2.46 -3.21 -2.75
CA ASN A 42 1.67 -2.01 -2.48
C ASN A 42 1.20 -1.40 -3.79
N PRO A 43 0.33 -2.11 -4.49
CA PRO A 43 -0.14 -1.52 -5.75
C PRO A 43 -0.90 -0.21 -5.49
N THR A 44 -0.79 0.76 -6.39
CA THR A 44 -1.66 1.92 -6.32
C THR A 44 -3.08 1.49 -6.69
N GLU A 45 -4.04 2.39 -6.44
CA GLU A 45 -5.41 2.10 -6.82
C GLU A 45 -5.51 1.94 -8.33
N ALA A 46 -4.82 2.80 -9.07
CA ALA A 46 -4.87 2.71 -10.52
C ALA A 46 -4.21 1.41 -11.02
N GLU A 47 -3.10 1.02 -10.42
CA GLU A 47 -2.43 -0.22 -10.81
C GLU A 47 -3.32 -1.43 -10.55
N LEU A 48 -3.90 -1.47 -9.36
CA LEU A 48 -4.80 -2.57 -9.00
C LEU A 48 -5.96 -2.63 -9.99
N GLN A 49 -6.53 -1.48 -10.30
CA GLN A 49 -7.64 -1.47 -11.24
C GLN A 49 -7.21 -1.97 -12.62
N ASP A 50 -5.99 -1.66 -13.03
CA ASP A 50 -5.50 -2.15 -14.32
C ASP A 50 -5.21 -3.66 -14.30
N MET A 51 -4.77 -4.19 -13.16
CA MET A 51 -4.62 -5.64 -13.06
C MET A 51 -6.00 -6.29 -13.09
N ILE A 52 -6.97 -5.68 -12.40
CA ILE A 52 -8.33 -6.19 -12.48
C ILE A 52 -8.86 -6.11 -13.91
N ASN A 53 -8.56 -5.03 -14.63
CA ASN A 53 -9.01 -4.88 -16.00
C ASN A 53 -8.42 -5.95 -16.90
N GLU A 54 -7.18 -6.32 -16.64
CA GLU A 54 -6.54 -7.40 -17.39
C GLU A 54 -7.32 -8.71 -17.19
N VAL A 55 -7.60 -9.06 -15.93
CA VAL A 55 -8.38 -10.25 -15.64
C VAL A 55 -9.73 -10.18 -16.34
N ASP A 56 -10.38 -9.02 -16.27
CA ASP A 56 -11.74 -8.85 -16.80
C ASP A 56 -11.79 -8.73 -18.32
N ALA A 57 -10.65 -8.73 -19.00
CA ALA A 57 -10.65 -8.54 -20.45
C ALA A 57 -11.46 -9.60 -21.17
N ASP A 58 -11.60 -10.79 -20.58
CA ASP A 58 -12.38 -11.85 -21.19
C ASP A 58 -13.76 -12.01 -20.56
N GLY A 59 -14.13 -11.09 -19.67
CA GLY A 59 -15.45 -11.12 -19.07
C GLY A 59 -15.63 -12.16 -17.98
N ASN A 60 -14.53 -12.79 -17.59
CA ASN A 60 -14.52 -13.68 -16.42
C ASN A 60 -13.57 -13.05 -15.40
N GLY A 61 -13.98 -13.06 -14.13
CA GLY A 61 -13.24 -12.37 -13.08
C GLY A 61 -12.39 -13.27 -12.20
N THR A 62 -12.11 -14.48 -12.66
CA THR A 62 -11.28 -15.38 -11.88
C THR A 62 -9.85 -15.42 -12.39
N ILE A 63 -8.95 -15.81 -11.47
CA ILE A 63 -7.51 -15.76 -11.66
C ILE A 63 -6.92 -17.07 -11.16
N ASP A 64 -6.20 -17.80 -11.99
CA ASP A 64 -5.55 -19.02 -11.51
C ASP A 64 -4.16 -18.72 -10.98
N PHE A 65 -3.48 -19.73 -10.48
CA PHE A 65 -2.21 -19.46 -9.82
C PHE A 65 -1.12 -18.99 -10.79
N PRO A 66 -0.97 -19.63 -11.97
CA PRO A 66 0.03 -19.08 -12.88
C PRO A 66 -0.26 -17.65 -13.31
N GLU A 67 -1.52 -17.29 -13.52
CA GLU A 67 -1.86 -15.90 -13.83
C GLU A 67 -1.50 -14.95 -12.69
N PHE A 68 -1.76 -15.40 -11.48
CA PHE A 68 -1.41 -14.63 -10.29
C PHE A 68 0.09 -14.40 -10.17
N LEU A 69 0.89 -15.44 -10.41
CA LEU A 69 2.34 -15.31 -10.35
C LEU A 69 2.83 -14.35 -11.43
N THR A 70 2.25 -14.46 -12.62
CA THR A 70 2.58 -13.54 -13.72
C THR A 70 2.34 -12.09 -13.30
N MET A 71 1.20 -11.83 -12.68
CA MET A 71 0.89 -10.46 -12.27
C MET A 71 1.78 -10.01 -11.11
N MET A 72 2.09 -10.92 -10.18
CA MET A 72 3.00 -10.58 -9.09
C MET A 72 4.39 -10.23 -9.60
N ALA A 73 4.84 -10.96 -10.60
CA ALA A 73 6.20 -10.81 -11.10
C ALA A 73 6.38 -9.63 -12.05
N ARG A 74 5.30 -9.23 -12.72
CA ARG A 74 5.42 -8.24 -13.78
C ARG A 74 5.89 -6.87 -13.26
N LYS A 75 7.02 -6.41 -13.77
CA LYS A 75 7.60 -5.13 -13.37
C LYS A 75 7.84 -5.09 -11.86
N MET A 76 8.13 -6.24 -11.28
CA MET A 76 8.46 -6.33 -9.85
C MET A 76 9.77 -5.59 -9.64
N LYS A 77 9.80 -4.70 -8.64
CA LYS A 77 10.94 -3.79 -8.46
C LYS A 77 11.39 -3.72 -7.01
N ASP A 78 12.47 -4.43 -6.68
N ASP A 78 12.48 -4.42 -6.69
CA ASP A 78 12.95 -4.48 -5.31
CA ASP A 78 12.98 -4.49 -5.32
C ASP A 78 13.69 -3.21 -4.89
C ASP A 78 13.67 -3.20 -4.91
N THR A 79 13.48 -2.80 -3.65
CA THR A 79 14.17 -1.65 -3.09
C THR A 79 14.24 -1.88 -1.60
N ASP A 80 14.93 -0.99 -0.90
CA ASP A 80 14.85 -0.86 0.56
C ASP A 80 13.53 -0.14 0.83
N SER A 81 12.49 -0.90 1.12
CA SER A 81 11.16 -0.33 1.18
C SER A 81 10.99 0.69 2.31
N GLU A 82 11.51 0.40 3.50
CA GLU A 82 11.36 1.33 4.62
C GLU A 82 11.96 2.70 4.26
N GLU A 83 13.13 2.69 3.64
CA GLU A 83 13.80 3.91 3.24
C GLU A 83 13.00 4.68 2.18
N GLU A 84 12.46 3.95 1.22
CA GLU A 84 11.66 4.57 0.17
C GLU A 84 10.47 5.30 0.80
N ILE A 85 9.86 4.68 1.81
CA ILE A 85 8.69 5.28 2.45
C ILE A 85 9.11 6.46 3.31
N ARG A 86 10.21 6.32 4.04
CA ARG A 86 10.73 7.44 4.82
C ARG A 86 11.00 8.64 3.91
N GLU A 87 11.58 8.37 2.73
CA GLU A 87 11.88 9.42 1.76
C GLU A 87 10.62 10.10 1.26
N ALA A 88 9.57 9.33 1.00
CA ALA A 88 8.31 9.91 0.59
C ALA A 88 7.72 10.78 1.67
N PHE A 89 7.83 10.38 2.94
CA PHE A 89 7.35 11.25 4.02
C PHE A 89 8.17 12.54 4.11
N ARG A 90 9.48 12.41 3.87
CA ARG A 90 10.38 13.55 4.02
C ARG A 90 10.01 14.71 3.09
N VAL A 91 9.40 14.38 1.97
N VAL A 91 9.38 14.43 1.96
CA VAL A 91 8.89 15.36 1.02
CA VAL A 91 8.99 15.53 1.07
C VAL A 91 7.94 16.35 1.69
C VAL A 91 7.94 16.41 1.73
N PHE A 92 7.20 15.86 2.68
CA PHE A 92 6.19 16.66 3.42
C PHE A 92 6.64 17.23 4.74
N ASP A 93 7.91 17.05 5.03
CA ASP A 93 8.54 17.53 6.26
C ASP A 93 9.01 18.93 5.92
N LYS A 94 8.06 19.86 5.98
N LYS A 94 8.10 19.90 5.92
N LYS A 94 8.08 19.86 6.07
CA LYS A 94 8.24 21.24 5.52
CA LYS A 94 8.47 21.20 5.38
CA LYS A 94 8.18 21.23 5.56
C LYS A 94 9.42 21.90 6.21
C LYS A 94 9.53 21.90 6.21
C LYS A 94 9.25 22.07 6.24
N ASP A 95 9.45 21.80 7.54
CA ASP A 95 10.45 22.51 8.34
C ASP A 95 11.68 21.62 8.49
N GLY A 96 11.68 20.49 7.79
CA GLY A 96 12.85 19.60 7.74
C GLY A 96 13.40 19.22 9.11
N ASN A 97 12.58 18.59 9.94
CA ASN A 97 13.00 18.30 11.31
C ASN A 97 12.70 16.86 11.77
N GLY A 98 12.31 16.00 10.83
CA GLY A 98 12.01 14.61 11.15
C GLY A 98 10.55 14.38 11.57
N TYR A 99 9.79 15.46 11.62
CA TYR A 99 8.41 15.40 12.06
C TYR A 99 7.46 16.06 11.06
N ILE A 100 6.23 15.59 11.05
CA ILE A 100 5.14 16.23 10.32
C ILE A 100 3.99 16.27 11.31
N SER A 101 3.22 17.34 11.34
CA SER A 101 2.09 17.38 12.25
C SER A 101 1.01 16.42 11.81
N ALA A 102 0.28 15.90 12.77
CA ALA A 102 -0.83 15.01 12.48
C ALA A 102 -1.85 15.71 11.56
N ALA A 103 -2.10 16.99 11.80
CA ALA A 103 -3.07 17.71 11.00
C ALA A 103 -2.60 17.84 9.56
N GLU A 104 -1.32 18.11 9.36
CA GLU A 104 -0.84 18.30 8.00
C GLU A 104 -0.84 16.97 7.25
N LEU A 105 -0.44 15.91 7.95
CA LEU A 105 -0.42 14.60 7.34
C LEU A 105 -1.85 14.21 6.92
N ARG A 106 -2.82 14.41 7.80
CA ARG A 106 -4.21 14.14 7.43
C ARG A 106 -4.62 14.95 6.21
N HIS A 107 -4.26 16.22 6.19
CA HIS A 107 -4.63 17.08 5.07
C HIS A 107 -4.11 16.54 3.74
N VAL A 108 -2.81 16.32 3.63
CA VAL A 108 -2.26 15.95 2.31
C VAL A 108 -2.76 14.56 1.92
N MET A 109 -2.89 13.66 2.88
CA MET A 109 -3.30 12.30 2.54
C MET A 109 -4.73 12.25 2.00
N THR A 110 -5.53 13.26 2.34
CA THR A 110 -6.92 13.31 1.90
C THR A 110 -7.21 14.40 0.86
N ASN A 111 -6.19 15.12 0.40
CA ASN A 111 -6.41 16.18 -0.58
C ASN A 111 -5.52 16.15 -1.81
N LEU A 112 -4.67 15.12 -1.91
CA LEU A 112 -3.80 14.96 -3.04
C LEU A 112 -3.78 13.49 -3.45
N GLY A 113 -3.56 13.21 -4.73
CA GLY A 113 -3.31 11.85 -5.14
C GLY A 113 -4.50 10.94 -5.00
N GLU A 114 -4.24 9.70 -4.60
CA GLU A 114 -5.28 8.68 -4.44
C GLU A 114 -5.80 8.83 -3.03
N LYS A 115 -6.61 9.87 -2.84
N LYS A 115 -6.63 9.87 -2.85
CA LYS A 115 -6.98 10.33 -1.51
CA LYS A 115 -7.05 10.32 -1.54
C LYS A 115 -7.52 9.22 -0.63
C LYS A 115 -7.51 9.18 -0.63
N LEU A 116 -7.02 9.21 0.61
CA LEU A 116 -7.53 8.28 1.62
C LEU A 116 -8.94 8.67 2.05
N THR A 117 -9.73 7.66 2.40
CA THR A 117 -11.03 7.87 2.99
C THR A 117 -10.86 8.31 4.43
N ASP A 118 -11.93 8.82 5.05
CA ASP A 118 -11.83 9.22 6.45
C ASP A 118 -11.42 8.04 7.34
N GLU A 119 -11.96 6.86 7.03
CA GLU A 119 -11.65 5.65 7.79
C GLU A 119 -10.17 5.32 7.67
N GLU A 120 -9.63 5.35 6.46
CA GLU A 120 -8.23 5.03 6.21
C GLU A 120 -7.27 5.99 6.91
N VAL A 121 -7.50 7.28 6.76
CA VAL A 121 -6.61 8.25 7.37
C VAL A 121 -6.75 8.28 8.90
N ASP A 122 -7.97 8.08 9.40
CA ASP A 122 -8.16 8.02 10.85
C ASP A 122 -7.22 6.97 11.46
N GLU A 123 -7.14 5.80 10.83
CA GLU A 123 -6.25 4.75 11.33
C GLU A 123 -4.78 5.13 11.23
N MET A 124 -4.41 5.80 10.14
CA MET A 124 -3.03 6.20 9.95
C MET A 124 -2.61 7.13 11.09
N ILE A 125 -3.46 8.09 11.42
CA ILE A 125 -3.11 9.07 12.43
C ILE A 125 -3.10 8.40 13.80
N ARG A 126 -4.05 7.50 14.04
N ARG A 126 -4.07 7.51 14.03
CA ARG A 126 -4.08 6.78 15.30
CA ARG A 126 -4.10 6.74 15.29
C ARG A 126 -2.78 5.96 15.48
C ARG A 126 -2.76 6.00 15.47
N GLU A 127 -2.28 5.35 14.41
CA GLU A 127 -1.02 4.60 14.50
C GLU A 127 0.26 5.46 14.48
N ALA A 128 0.21 6.63 13.85
CA ALA A 128 1.43 7.41 13.62
C ALA A 128 1.80 8.28 14.81
N ASP A 129 0.81 8.88 15.45
CA ASP A 129 1.08 9.76 16.59
C ASP A 129 1.15 8.95 17.90
N ILE A 130 2.26 8.23 18.12
CA ILE A 130 2.39 7.37 19.31
C ILE A 130 2.71 8.13 20.60
N ASP A 131 3.15 9.39 20.51
CA ASP A 131 3.40 10.17 21.72
C ASP A 131 2.15 10.95 22.09
N GLY A 132 1.08 10.80 21.31
CA GLY A 132 -0.17 11.53 21.49
C GLY A 132 0.00 13.05 21.59
N ASP A 133 0.83 13.64 20.72
CA ASP A 133 1.23 15.04 20.88
C ASP A 133 0.96 15.93 19.66
N GLY A 134 0.19 15.41 18.70
CA GLY A 134 -0.09 16.15 17.47
C GLY A 134 1.04 16.18 16.46
N GLN A 135 2.11 15.43 16.74
CA GLN A 135 3.24 15.33 15.82
C GLN A 135 3.52 13.89 15.47
N VAL A 136 4.02 13.68 14.26
CA VAL A 136 4.41 12.36 13.80
C VAL A 136 5.90 12.35 13.47
N ASN A 137 6.64 11.53 14.22
CA ASN A 137 8.00 11.19 13.86
C ASN A 137 7.88 10.09 12.83
N TYR A 138 8.05 10.44 11.56
CA TYR A 138 7.69 9.48 10.51
C TYR A 138 8.69 8.35 10.39
N GLU A 139 9.96 8.58 10.76
CA GLU A 139 10.91 7.51 10.73
C GLU A 139 10.51 6.40 11.73
N GLU A 140 10.08 6.80 12.93
CA GLU A 140 9.68 5.82 13.93
C GLU A 140 8.37 5.15 13.54
N PHE A 141 7.45 5.90 12.95
CA PHE A 141 6.21 5.33 12.43
C PHE A 141 6.48 4.23 11.39
N VAL A 142 7.29 4.54 10.38
CA VAL A 142 7.60 3.56 9.36
C VAL A 142 8.32 2.34 9.95
N GLN A 143 9.24 2.56 10.89
CA GLN A 143 9.91 1.45 11.56
C GLN A 143 8.89 0.50 12.19
N MET A 144 7.95 1.07 12.94
CA MET A 144 6.96 0.23 13.62
C MET A 144 6.08 -0.51 12.63
N MET A 145 5.68 0.15 11.55
CA MET A 145 4.81 -0.49 10.56
C MET A 145 5.55 -1.54 9.70
N THR A 146 6.88 -1.51 9.69
CA THR A 146 7.65 -2.50 8.94
C THR A 146 8.12 -3.69 9.79
N ALA A 147 7.97 -3.58 11.10
CA ALA A 147 8.47 -4.62 12.01
C ALA A 147 7.80 -5.97 11.76
N LYS A 148 8.55 -7.07 11.99
CA LYS A 148 8.01 -8.42 11.90
C LYS A 148 7.56 -9.03 13.23
N GLY B 1 1.37 23.06 -19.49
CA GLY B 1 2.72 22.76 -19.05
C GLY B 1 2.74 21.94 -17.79
N PRO B 2 3.93 21.64 -17.29
CA PRO B 2 4.10 20.76 -16.13
C PRO B 2 3.85 21.42 -14.79
N LEU B 3 3.59 20.58 -13.79
CA LEU B 3 3.61 21.00 -12.41
C LEU B 3 5.00 21.52 -12.03
N GLY B 4 5.01 22.39 -11.03
CA GLY B 4 6.26 22.81 -10.43
C GLY B 4 6.94 21.65 -9.72
N SER B 5 8.18 21.85 -9.34
CA SER B 5 9.00 20.78 -8.77
C SER B 5 8.34 20.16 -7.54
N GLN B 6 7.93 21.00 -6.59
CA GLN B 6 7.43 20.47 -5.33
C GLN B 6 6.09 19.82 -5.52
N ASP B 7 5.23 20.41 -6.35
CA ASP B 7 3.92 19.80 -6.58
C ASP B 7 4.03 18.43 -7.27
N LEU B 8 4.96 18.29 -8.22
CA LEU B 8 5.15 17.00 -8.87
C LEU B 8 5.68 15.98 -7.87
N LEU B 9 6.65 16.40 -7.07
CA LEU B 9 7.23 15.54 -6.05
C LEU B 9 6.17 15.10 -5.03
N GLU B 10 5.30 16.04 -4.65
CA GLU B 10 4.25 15.73 -3.69
C GLU B 10 3.24 14.75 -4.25
N LEU B 11 2.87 14.93 -5.53
CA LEU B 11 1.92 14.03 -6.15
C LEU B 11 2.48 12.59 -6.16
N LYS B 12 3.72 12.45 -6.65
N LYS B 12 3.71 12.44 -6.65
N LYS B 12 3.72 12.43 -6.63
CA LYS B 12 4.38 11.14 -6.70
CA LYS B 12 4.36 11.13 -6.68
CA LYS B 12 4.33 11.11 -6.69
C LYS B 12 4.51 10.53 -5.30
C LYS B 12 4.45 10.54 -5.28
C LYS B 12 4.47 10.52 -5.29
N SER B 13 4.90 11.36 -4.35
CA SER B 13 5.19 10.89 -3.00
C SER B 13 3.94 10.56 -2.21
N VAL B 14 2.88 11.34 -2.33
CA VAL B 14 1.68 11.04 -1.55
C VAL B 14 1.07 9.73 -2.04
N ILE B 15 1.15 9.45 -3.33
CA ILE B 15 0.60 8.20 -3.86
C ILE B 15 1.40 7.00 -3.34
N LYS B 16 2.72 7.13 -3.22
CA LYS B 16 3.52 6.08 -2.60
C LYS B 16 3.05 5.81 -1.17
N LEU B 17 2.76 6.87 -0.43
CA LEU B 17 2.34 6.75 0.96
C LEU B 17 0.95 6.13 1.05
N GLN B 18 0.05 6.57 0.18
CA GLN B 18 -1.30 6.04 0.19
C GLN B 18 -1.30 4.55 -0.10
N ALA B 19 -0.53 4.17 -1.13
CA ALA B 19 -0.49 2.78 -1.54
C ALA B 19 0.15 1.92 -0.44
N TRP B 20 1.23 2.42 0.13
CA TRP B 20 1.88 1.73 1.23
C TRP B 20 0.97 1.62 2.46
N TRP B 21 0.20 2.68 2.74
CA TRP B 21 -0.66 2.61 3.90
C TRP B 21 -1.78 1.57 3.69
N ARG B 22 -2.34 1.54 2.48
CA ARG B 22 -3.37 0.55 2.17
C ARG B 22 -2.82 -0.87 2.27
N GLY B 23 -1.58 -1.09 1.80
CA GLY B 23 -0.94 -2.38 1.97
C GLY B 23 -0.69 -2.73 3.44
N THR B 24 -0.26 -1.72 4.20
CA THR B 24 0.08 -1.91 5.60
C THR B 24 -1.12 -2.34 6.42
N MET B 25 -2.28 -1.76 6.14
CA MET B 25 -3.47 -2.12 6.92
C MET B 25 -3.85 -3.59 6.70
N ILE B 26 -3.64 -4.13 5.49
CA ILE B 26 -3.85 -5.56 5.26
C ILE B 26 -2.83 -6.40 6.02
N ARG B 27 -1.56 -6.08 5.86
CA ARG B 27 -0.48 -6.88 6.48
C ARG B 27 -0.54 -6.90 7.98
N ARG B 28 -0.95 -5.78 8.58
CA ARG B 28 -0.93 -5.64 10.02
C ARG B 28 -2.32 -5.82 10.63
N GLU B 29 -3.31 -6.12 9.80
CA GLU B 29 -4.68 -6.32 10.26
C GLU B 29 -5.11 -5.14 11.13
N ILE B 30 -5.06 -3.96 10.51
CA ILE B 30 -5.44 -2.71 11.14
C ILE B 30 -6.87 -2.37 10.63
N GLY B 31 -7.65 -1.67 11.46
CA GLY B 31 -8.86 -1.04 10.96
C GLY B 31 -10.01 -1.96 10.64
N GLY B 32 -9.99 -3.15 11.24
CA GLY B 32 -11.10 -4.07 11.10
C GLY B 32 -10.77 -5.26 10.21
N PHE B 33 -9.73 -5.14 9.38
CA PHE B 33 -9.39 -6.23 8.48
C PHE B 33 -8.77 -7.41 9.23
N LYS B 34 -9.21 -8.60 8.87
CA LYS B 34 -8.65 -9.85 9.39
C LYS B 34 -8.47 -10.85 8.24
N MET B 35 -7.33 -11.51 8.22
CA MET B 35 -7.11 -12.55 7.22
C MET B 35 -8.13 -13.68 7.37
N PRO B 36 -8.47 -14.33 6.25
CA PRO B 36 -9.32 -15.52 6.33
C PRO B 36 -8.62 -16.59 7.14
N LYS B 37 -9.42 -17.43 7.82
CA LYS B 37 -8.92 -18.66 8.40
C LYS B 37 -8.91 -19.80 7.37
S SO4 C . -18.24 -10.52 -8.65
O1 SO4 C . -18.32 -10.78 -10.09
O2 SO4 C . -16.83 -10.26 -8.39
O3 SO4 C . -18.98 -9.29 -8.34
O4 SO4 C . -18.64 -11.66 -7.83
#